data_4JG0
#
_entry.id   4JG0
#
_cell.length_a   43.952
_cell.length_b   95.889
_cell.length_c   119.917
_cell.angle_alpha   90.00
_cell.angle_beta   90.00
_cell.angle_gamma   90.00
#
_symmetry.space_group_name_H-M   'P 21 21 21'
#
loop_
_entity.id
_entity.type
_entity.pdbx_description
1 polymer 'Fab light chain'
2 polymer 'Fab heavy chain'
3 polymer Phosphopeptide
4 non-polymer 'PROPANOIC ACID'
5 water water
#
loop_
_entity_poly.entity_id
_entity_poly.type
_entity_poly.pdbx_seq_one_letter_code
_entity_poly.pdbx_strand_id
1 'polypeptide(L)'
;DIVLTQSPATLSLSPGERATLSCMTSTDIDDDMNWYQQKPGQAPRLLISEGNTLRPGVPARFSGSGSGTDFTLTISSLEP
EDFAVYYCLQSFNVPLTFGQGTKVEIKRTVAAPSVFIFPPSDSQLKSGTASVVCLLNNFYPREAKVQWKVDNALQSGNSQ
ESVTEQDSKDSTYSLSSTLTLSKADYEKHKVYACEVTHQGLSSPVTKSFNRGEC
;
L
2 'polypeptide(L)'
;EISEVQLVESGGGLVQPGGSLRLSCVTSGFTFRKFGMSWVRQAPGKGLEWVASISTPRGSTTYYSDSVKGRFTISRDNSK
NTLYLQMNSLRAEDTAVYYCTRGYSSTSYAMDYWGQGTLVTVSSASTKGPSVFPLAPSSKSTSGGTAALGCLVKDYFPEP
VTVSWNSGALTSGVHTFPAVLQSSGLYSLSSVVTVPSSSLGTQTYICNVNHKPSNTKVDKKVEPKSCDKSHTATGA
;
H
3 'polypeptide(L)' GEKKGNYVVT(SEP)H P
#
loop_
_chem_comp.id
_chem_comp.type
_chem_comp.name
_chem_comp.formula
PPI non-polymer 'PROPANOIC ACID' 'C3 H6 O2'
#
# COMPACT_ATOMS: atom_id res chain seq x y z
N ASP A 1 14.10 21.23 8.06
CA ASP A 1 13.24 20.06 8.37
C ASP A 1 14.09 18.92 8.93
N ILE A 2 13.65 18.38 10.06
CA ILE A 2 14.37 17.31 10.74
C ILE A 2 14.06 15.97 10.09
N VAL A 3 15.10 15.21 9.76
CA VAL A 3 14.95 13.93 9.09
C VAL A 3 15.04 12.80 10.09
N LEU A 4 14.05 11.91 10.08
CA LEU A 4 14.05 10.72 10.90
C LEU A 4 14.40 9.51 10.03
N THR A 5 15.46 8.79 10.42
CA THR A 5 15.92 7.64 9.68
C THR A 5 15.69 6.37 10.52
N GLN A 6 14.74 5.55 10.08
CA GLN A 6 14.42 4.32 10.79
C GLN A 6 15.14 3.14 10.18
N SER A 7 15.63 2.25 11.04
CA SER A 7 16.31 1.06 10.58
C SER A 7 16.15 -0.05 11.60
N PRO A 8 16.15 -1.31 11.15
CA PRO A 8 16.15 -1.65 9.73
C PRO A 8 14.76 -1.41 9.13
N ALA A 9 14.68 -1.16 7.83
CA ALA A 9 13.38 -0.96 7.20
C ALA A 9 12.50 -2.20 7.40
N THR A 10 13.14 -3.37 7.41
CA THR A 10 12.43 -4.61 7.68
C THR A 10 13.12 -5.41 8.77
N LEU A 11 12.37 -5.74 9.81
CA LEU A 11 12.86 -6.55 10.92
C LEU A 11 12.19 -7.92 10.86
N SER A 12 12.98 -8.97 10.62
CA SER A 12 12.43 -10.32 10.48
C SER A 12 12.67 -11.15 11.73
N LEU A 13 11.60 -11.46 12.45
CA LEU A 13 11.70 -12.15 13.73
C LEU A 13 10.59 -13.18 13.91
N SER A 14 10.74 -14.01 14.94
CA SER A 14 9.73 -14.99 15.30
C SER A 14 9.04 -14.56 16.60
N PRO A 15 7.78 -14.99 16.78
CA PRO A 15 7.10 -14.72 18.05
C PRO A 15 7.96 -15.13 19.23
N GLY A 16 7.95 -14.33 20.29
CA GLY A 16 8.77 -14.64 21.46
C GLY A 16 10.08 -13.90 21.48
N GLU A 17 10.57 -13.50 20.31
CA GLU A 17 11.87 -12.84 20.21
C GLU A 17 11.82 -11.36 20.56
N ARG A 18 12.95 -10.82 20.99
CA ARG A 18 13.07 -9.41 21.29
C ARG A 18 13.25 -8.60 20.00
N ALA A 19 12.45 -7.55 19.86
CA ALA A 19 12.55 -6.66 18.70
C ALA A 19 13.17 -5.33 19.09
N THR A 20 14.19 -4.92 18.35
CA THR A 20 14.82 -3.61 18.55
C THR A 20 14.67 -2.78 17.28
N LEU A 21 14.02 -1.63 17.42
CA LEU A 21 13.77 -0.73 16.28
C LEU A 21 14.48 0.60 16.51
N SER A 22 15.23 1.07 15.53
CA SER A 22 16.03 2.28 15.70
C SER A 22 15.50 3.46 14.89
N CYS A 23 15.59 4.65 15.48
CA CYS A 23 15.25 5.89 14.80
C CYS A 23 16.34 6.91 15.12
N MET A 24 16.97 7.43 14.07
CA MET A 24 17.99 8.45 14.23
C MET A 24 17.52 9.76 13.61
N THR A 25 17.82 10.87 14.28
CA THR A 25 17.36 12.18 13.83
C THR A 25 18.54 12.99 13.32
N SER A 26 18.27 13.87 12.35
CA SER A 26 19.31 14.69 11.75
C SER A 26 19.85 15.77 12.69
N THR A 27 19.12 16.02 13.78
CA THR A 27 19.59 16.96 14.79
C THR A 27 19.00 16.61 16.15
N ASP A 28 19.61 17.15 17.21
CA ASP A 28 19.16 16.91 18.58
C ASP A 28 17.72 17.40 18.78
N ILE A 29 16.82 16.49 19.15
CA ILE A 29 15.43 16.86 19.38
C ILE A 29 15.03 16.68 20.85
N ASP A 30 16.03 16.69 21.73
CA ASP A 30 15.81 16.48 23.15
C ASP A 30 15.17 15.10 23.33
N ASP A 31 14.01 15.01 23.97
CA ASP A 31 13.33 13.72 24.11
C ASP A 31 11.92 13.73 23.50
N ASP A 32 11.71 14.59 22.51
CA ASP A 32 10.39 14.72 21.89
C ASP A 32 10.20 13.71 20.76
N MET A 33 10.35 12.44 21.09
CA MET A 33 10.18 11.35 20.14
C MET A 33 8.93 10.56 20.50
N ASN A 34 8.16 10.17 19.48
CA ASN A 34 6.94 9.41 19.67
C ASN A 34 6.92 8.20 18.74
N TRP A 35 6.32 7.10 19.18
CA TRP A 35 6.28 5.87 18.37
C TRP A 35 4.84 5.41 18.13
N TYR A 36 4.56 5.02 16.88
CA TYR A 36 3.25 4.53 16.48
C TYR A 36 3.31 3.12 15.89
N GLN A 37 2.20 2.41 16.05
CA GLN A 37 1.99 1.13 15.39
C GLN A 37 0.86 1.26 14.38
N GLN A 38 1.03 0.68 13.20
CA GLN A 38 -0.04 0.65 12.20
C GLN A 38 -0.17 -0.73 11.57
N LYS A 39 -1.36 -1.29 11.64
CA LYS A 39 -1.68 -2.54 10.96
C LYS A 39 -2.38 -2.23 9.65
N PRO A 40 -2.31 -3.16 8.69
CA PRO A 40 -2.91 -2.93 7.38
C PRO A 40 -4.37 -2.51 7.47
N GLY A 41 -4.74 -1.44 6.75
CA GLY A 41 -6.10 -0.99 6.70
C GLY A 41 -6.58 -0.26 7.94
N GLN A 42 -5.69 -0.07 8.92
CA GLN A 42 -6.07 0.57 10.18
C GLN A 42 -5.34 1.89 10.40
N ALA A 43 -5.91 2.72 11.26
CA ALA A 43 -5.27 3.96 11.67
C ALA A 43 -4.11 3.66 12.61
N PRO A 44 -3.10 4.54 12.64
CA PRO A 44 -2.00 4.36 13.59
C PRO A 44 -2.45 4.43 15.05
N ARG A 45 -1.66 3.81 15.92
CA ARG A 45 -1.90 3.80 17.36
C ARG A 45 -0.65 4.30 18.09
N LEU A 46 -0.82 5.26 18.99
CA LEU A 46 0.30 5.80 19.75
C LEU A 46 0.77 4.83 20.84
N LEU A 47 2.05 4.49 20.82
CA LEU A 47 2.62 3.55 21.78
C LEU A 47 3.42 4.26 22.86
N ILE A 48 4.26 5.21 22.45
CA ILE A 48 5.17 5.91 23.34
C ILE A 48 5.16 7.38 22.97
N SER A 49 5.04 8.26 23.95
CA SER A 49 5.06 9.69 23.67
C SER A 49 6.30 10.37 24.25
N GLU A 50 6.45 11.64 23.95
CA GLU A 50 7.59 12.45 24.39
C GLU A 50 8.09 12.03 25.76
N GLY A 51 9.41 11.89 25.88
CA GLY A 51 10.02 11.52 27.15
C GLY A 51 9.94 10.02 27.38
N ASN A 52 9.84 9.26 26.29
CA ASN A 52 9.72 7.81 26.37
C ASN A 52 8.64 7.40 27.36
N THR A 53 7.48 8.06 27.23
CA THR A 53 6.36 7.83 28.11
C THR A 53 5.43 6.76 27.55
N LEU A 54 5.31 5.65 28.27
CA LEU A 54 4.43 4.57 27.84
C LEU A 54 2.98 4.99 28.02
N ARG A 55 2.18 4.88 26.97
CA ARG A 55 0.79 5.31 27.03
C ARG A 55 -0.06 4.31 27.80
N PRO A 56 -1.04 4.82 28.57
CA PRO A 56 -1.95 3.90 29.27
C PRO A 56 -2.62 2.94 28.30
N GLY A 57 -2.78 1.68 28.70
CA GLY A 57 -3.40 0.69 27.85
C GLY A 57 -2.44 -0.09 26.97
N VAL A 58 -1.25 0.46 26.74
CA VAL A 58 -0.25 -0.22 25.94
C VAL A 58 0.48 -1.25 26.78
N PRO A 59 0.59 -2.51 26.28
CA PRO A 59 1.25 -3.57 27.05
C PRO A 59 2.66 -3.21 27.46
N ALA A 60 3.10 -3.73 28.60
CA ALA A 60 4.39 -3.36 29.18
C ALA A 60 5.59 -3.84 28.36
N ARG A 61 5.37 -4.74 27.42
CA ARG A 61 6.47 -5.27 26.61
C ARG A 61 7.03 -4.20 25.66
N PHE A 62 6.27 -3.14 25.44
CA PHE A 62 6.75 -2.01 24.65
C PHE A 62 7.46 -0.99 25.54
N SER A 63 8.60 -0.48 25.08
CA SER A 63 9.27 0.58 25.80
C SER A 63 10.17 1.38 24.87
N GLY A 64 10.30 2.68 25.16
CA GLY A 64 11.13 3.55 24.38
C GLY A 64 12.34 3.97 25.19
N SER A 65 13.47 4.15 24.51
CA SER A 65 14.67 4.62 25.19
C SER A 65 15.47 5.49 24.25
N GLY A 66 16.42 6.25 24.81
CA GLY A 66 17.24 7.14 24.03
C GLY A 66 16.78 8.58 24.10
N SER A 67 17.68 9.47 23.73
CA SER A 67 17.37 10.89 23.61
C SER A 67 18.43 11.51 22.72
N GLY A 68 18.29 12.79 22.40
CA GLY A 68 19.24 13.46 21.54
C GLY A 68 18.99 13.13 20.08
N THR A 69 19.75 12.17 19.55
CA THR A 69 19.71 11.87 18.13
C THR A 69 19.54 10.39 17.82
N ASP A 70 19.49 9.56 18.85
CA ASP A 70 19.42 8.12 18.66
C ASP A 70 18.36 7.54 19.57
N PHE A 71 17.28 7.03 18.97
CA PHE A 71 16.14 6.51 19.73
C PHE A 71 15.85 5.06 19.38
N THR A 72 15.31 4.35 20.37
CA THR A 72 15.04 2.93 20.22
C THR A 72 13.66 2.56 20.76
N LEU A 73 12.92 1.77 19.99
CA LEU A 73 11.71 1.14 20.49
C LEU A 73 12.01 -0.33 20.68
N THR A 74 11.73 -0.84 21.88
CA THR A 74 11.99 -2.24 22.17
C THR A 74 10.68 -2.97 22.46
N ILE A 75 10.51 -4.11 21.81
CA ILE A 75 9.43 -5.03 22.17
C ILE A 75 10.10 -6.24 22.79
N SER A 76 9.98 -6.36 24.12
CA SER A 76 10.75 -7.34 24.88
C SER A 76 10.54 -8.75 24.34
N SER A 77 9.28 -9.08 24.04
CA SER A 77 8.94 -10.40 23.54
C SER A 77 7.74 -10.27 22.59
N LEU A 78 7.96 -10.58 21.32
CA LEU A 78 6.95 -10.37 20.29
C LEU A 78 5.73 -11.28 20.44
N GLU A 79 4.55 -10.69 20.39
CA GLU A 79 3.30 -11.44 20.28
C GLU A 79 2.87 -11.41 18.82
N PRO A 80 2.06 -12.40 18.41
CA PRO A 80 1.60 -12.45 17.01
C PRO A 80 0.97 -11.13 16.54
N GLU A 81 0.34 -10.41 17.44
CA GLU A 81 -0.35 -9.17 17.06
C GLU A 81 0.63 -7.98 16.92
N ASP A 82 1.90 -8.21 17.25
CA ASP A 82 2.90 -7.15 17.17
C ASP A 82 3.53 -7.02 15.77
N PHE A 83 3.26 -7.98 14.89
CA PHE A 83 3.79 -7.91 13.54
C PHE A 83 2.98 -6.89 12.75
N ALA A 84 3.65 -5.82 12.37
CA ALA A 84 3.00 -4.62 11.86
C ALA A 84 4.07 -3.62 11.44
N VAL A 85 3.66 -2.41 11.09
CA VAL A 85 4.59 -1.35 10.74
C VAL A 85 4.67 -0.36 11.89
N TYR A 86 5.88 0.14 12.15
CA TYR A 86 6.09 1.09 13.22
C TYR A 86 6.74 2.37 12.70
N TYR A 87 6.19 3.51 13.10
CA TYR A 87 6.69 4.81 12.68
C TYR A 87 7.15 5.60 13.89
N CYS A 88 8.24 6.34 13.72
CA CYS A 88 8.64 7.31 14.73
C CYS A 88 8.24 8.71 14.27
N LEU A 89 8.04 9.61 15.24
CA LEU A 89 7.61 10.98 14.95
C LEU A 89 8.28 11.93 15.93
N GLN A 90 8.95 12.96 15.41
CA GLN A 90 9.47 14.02 16.26
C GLN A 90 8.46 15.15 16.37
N SER A 91 8.24 15.63 17.60
CA SER A 91 7.32 16.72 17.87
C SER A 91 8.05 17.89 18.53
N PHE A 92 9.36 17.92 18.32
CA PHE A 92 10.24 18.95 18.83
C PHE A 92 9.98 20.28 18.12
N ASN A 93 9.82 20.21 16.80
CA ASN A 93 9.69 21.38 15.94
CA ASN A 93 9.50 21.42 16.05
C ASN A 93 8.69 21.13 14.80
N VAL A 94 8.13 22.20 14.25
CA VAL A 94 7.41 22.11 12.98
CA VAL A 94 7.41 22.14 12.98
C VAL A 94 8.39 22.39 11.83
N PRO A 95 8.24 21.68 10.71
CA PRO A 95 7.23 20.66 10.43
C PRO A 95 7.43 19.38 11.23
N LEU A 96 6.32 18.81 11.71
CA LEU A 96 6.36 17.50 12.35
CA LEU A 96 6.39 17.51 12.36
C LEU A 96 6.78 16.48 11.31
N THR A 97 7.76 15.65 11.63
CA THR A 97 8.28 14.71 10.65
C THR A 97 8.32 13.28 11.18
N PHE A 98 8.03 12.34 10.28
CA PHE A 98 7.99 10.91 10.61
C PHE A 98 9.16 10.19 9.96
N GLY A 99 9.56 9.07 10.56
CA GLY A 99 10.42 8.12 9.88
C GLY A 99 9.59 7.41 8.81
N GLN A 100 10.27 6.69 7.92
CA GLN A 100 9.61 6.06 6.79
C GLN A 100 9.05 4.68 7.14
N GLY A 101 9.27 4.26 8.38
CA GLY A 101 8.66 3.03 8.88
C GLY A 101 9.58 1.83 8.93
N THR A 102 9.32 0.97 9.90
CA THR A 102 9.96 -0.33 9.99
C THR A 102 8.86 -1.38 10.02
N LYS A 103 8.94 -2.34 9.12
CA LYS A 103 8.00 -3.45 9.11
C LYS A 103 8.57 -4.62 9.90
N VAL A 104 7.87 -5.00 10.96
CA VAL A 104 8.24 -6.20 11.71
C VAL A 104 7.48 -7.39 11.12
N GLU A 105 8.21 -8.28 10.44
CA GLU A 105 7.58 -9.39 9.74
C GLU A 105 8.01 -10.76 10.27
N ILE A 106 7.23 -11.77 9.93
CA ILE A 106 7.45 -13.13 10.39
C ILE A 106 8.62 -13.81 9.68
N LYS A 107 9.59 -14.24 10.45
CA LYS A 107 10.72 -15.00 9.92
C LYS A 107 10.30 -16.45 9.73
N ARG A 108 10.76 -17.07 8.65
CA ARG A 108 10.53 -18.48 8.42
C ARG A 108 11.66 -19.06 7.58
N THR A 109 11.62 -20.36 7.32
CA THR A 109 12.66 -21.01 6.54
C THR A 109 12.61 -20.48 5.11
N VAL A 110 13.74 -20.58 4.41
CA VAL A 110 13.82 -20.11 3.05
C VAL A 110 12.88 -20.93 2.16
N ALA A 111 12.13 -20.24 1.31
CA ALA A 111 11.20 -20.89 0.39
C ALA A 111 11.37 -20.32 -1.00
N ALA A 112 11.78 -21.16 -1.94
CA ALA A 112 11.96 -20.74 -3.33
C ALA A 112 10.60 -20.55 -3.99
N PRO A 113 10.49 -19.55 -4.88
CA PRO A 113 9.23 -19.39 -5.61
C PRO A 113 9.06 -20.45 -6.69
N SER A 114 7.81 -20.79 -7.00
CA SER A 114 7.51 -21.43 -8.27
C SER A 114 7.24 -20.30 -9.24
N VAL A 115 7.66 -20.48 -10.50
CA VAL A 115 7.61 -19.41 -11.48
C VAL A 115 6.75 -19.81 -12.68
N PHE A 116 5.91 -18.88 -13.11
CA PHE A 116 5.03 -19.11 -14.25
C PHE A 116 5.02 -17.88 -15.16
N ILE A 117 5.06 -18.10 -16.46
CA ILE A 117 4.97 -16.99 -17.40
C ILE A 117 3.70 -17.12 -18.25
N PHE A 118 3.04 -16.01 -18.50
CA PHE A 118 1.80 -15.99 -19.26
C PHE A 118 1.91 -15.03 -20.43
N PRO A 119 1.67 -15.53 -21.65
CA PRO A 119 1.61 -14.64 -22.81
C PRO A 119 0.33 -13.82 -22.81
N PRO A 120 0.32 -12.72 -23.58
CA PRO A 120 -0.93 -11.97 -23.74
C PRO A 120 -1.98 -12.82 -24.43
N SER A 121 -3.23 -12.68 -24.01
CA SER A 121 -4.34 -13.37 -24.65
C SER A 121 -4.57 -12.79 -26.04
N ASP A 122 -5.20 -13.57 -26.92
CA ASP A 122 -5.51 -13.10 -28.26
C ASP A 122 -6.48 -11.93 -28.21
N SER A 123 -7.43 -11.98 -27.27
CA SER A 123 -8.40 -10.91 -27.12
C SER A 123 -7.73 -9.59 -26.77
N GLN A 124 -6.69 -9.62 -25.94
CA GLN A 124 -5.98 -8.38 -25.63
C GLN A 124 -5.23 -7.87 -26.85
N LEU A 125 -4.56 -8.77 -27.57
CA LEU A 125 -3.81 -8.38 -28.75
C LEU A 125 -4.74 -7.69 -29.75
N LYS A 126 -5.95 -8.22 -29.87
CA LYS A 126 -6.95 -7.64 -30.76
C LYS A 126 -7.29 -6.21 -30.36
N SER A 127 -7.09 -5.88 -29.08
CA SER A 127 -7.39 -4.54 -28.57
CA SER A 127 -7.39 -4.54 -28.58
C SER A 127 -6.29 -3.54 -28.88
N GLY A 128 -5.08 -4.02 -29.15
CA GLY A 128 -3.98 -3.14 -29.50
C GLY A 128 -2.81 -3.10 -28.54
N THR A 129 -2.91 -3.84 -27.44
CA THR A 129 -1.82 -3.87 -26.47
C THR A 129 -1.48 -5.30 -26.05
N ALA A 130 -0.31 -5.46 -25.45
CA ALA A 130 0.17 -6.77 -25.05
C ALA A 130 0.75 -6.71 -23.63
N SER A 131 0.18 -7.51 -22.74
CA SER A 131 0.70 -7.63 -21.39
C SER A 131 1.23 -9.04 -21.17
N VAL A 132 2.49 -9.12 -20.74
CA VAL A 132 3.11 -10.40 -20.42
C VAL A 132 3.28 -10.48 -18.91
N VAL A 133 2.76 -11.54 -18.31
CA VAL A 133 2.76 -11.66 -16.86
C VAL A 133 3.68 -12.77 -16.37
N CYS A 134 4.46 -12.47 -15.34
CA CYS A 134 5.31 -13.45 -14.69
C CYS A 134 4.92 -13.54 -13.21
N LEU A 135 4.61 -14.74 -12.76
CA LEU A 135 4.18 -14.97 -11.39
C LEU A 135 5.26 -15.68 -10.58
N LEU A 136 5.61 -15.10 -9.43
CA LEU A 136 6.44 -15.77 -8.44
C LEU A 136 5.56 -16.16 -7.27
N ASN A 137 5.43 -17.47 -7.04
CA ASN A 137 4.45 -18.00 -6.10
C ASN A 137 5.08 -18.58 -4.83
N ASN A 138 4.67 -18.03 -3.70
CA ASN A 138 4.96 -18.56 -2.36
C ASN A 138 6.45 -18.65 -2.00
N PHE A 139 7.11 -17.51 -1.89
CA PHE A 139 8.53 -17.49 -1.60
C PHE A 139 8.86 -16.71 -0.32
N TYR A 140 10.04 -16.98 0.22
CA TYR A 140 10.56 -16.26 1.37
C TYR A 140 12.07 -16.44 1.38
N PRO A 141 12.84 -15.38 1.70
CA PRO A 141 12.40 -14.04 2.11
C PRO A 141 11.87 -13.18 0.97
N ARG A 142 11.55 -11.93 1.29
CA ARG A 142 10.87 -11.03 0.37
C ARG A 142 11.72 -10.66 -0.85
N GLU A 143 13.03 -10.48 -0.65
CA GLU A 143 13.89 -10.00 -1.72
C GLU A 143 13.85 -10.94 -2.92
N ALA A 144 13.43 -10.39 -4.06
CA ALA A 144 13.34 -11.17 -5.28
C ALA A 144 13.54 -10.26 -6.47
N LYS A 145 14.30 -10.72 -7.46
CA LYS A 145 14.55 -9.92 -8.65
C LYS A 145 13.98 -10.59 -9.89
N VAL A 146 13.20 -9.83 -10.64
CA VAL A 146 12.65 -10.27 -11.90
C VAL A 146 13.24 -9.46 -13.03
N GLN A 147 13.79 -10.17 -14.02
CA GLN A 147 14.41 -9.52 -15.16
C GLN A 147 13.74 -10.04 -16.41
N TRP A 148 13.10 -9.15 -17.16
CA TRP A 148 12.47 -9.51 -18.42
C TRP A 148 13.48 -9.50 -19.55
N LYS A 149 13.43 -10.52 -20.40
CA LYS A 149 14.28 -10.57 -21.58
C LYS A 149 13.43 -10.85 -22.82
N VAL A 150 13.62 -10.03 -23.85
CA VAL A 150 12.92 -10.21 -25.12
C VAL A 150 13.96 -10.48 -26.20
N ASP A 151 13.92 -11.68 -26.76
CA ASP A 151 14.98 -12.15 -27.63
C ASP A 151 16.34 -11.83 -26.98
N ASN A 152 16.41 -12.10 -25.68
CA ASN A 152 17.64 -12.04 -24.91
C ASN A 152 18.10 -10.64 -24.54
N ALA A 153 17.35 -9.64 -24.97
CA ALA A 153 17.65 -8.25 -24.62
C ALA A 153 17.01 -7.92 -23.28
N LEU A 154 17.81 -7.47 -22.33
CA LEU A 154 17.29 -7.11 -21.01
C LEU A 154 16.38 -5.88 -21.10
N GLN A 155 15.19 -6.00 -20.54
CA GLN A 155 14.21 -4.92 -20.56
C GLN A 155 14.37 -4.00 -19.37
N SER A 156 13.99 -2.74 -19.54
CA SER A 156 14.03 -1.78 -18.45
C SER A 156 13.01 -0.67 -18.70
N GLY A 157 12.28 -0.30 -17.66
CA GLY A 157 11.34 0.80 -17.72
C GLY A 157 9.95 0.47 -18.23
N ASN A 158 9.73 -0.78 -18.63
CA ASN A 158 8.44 -1.17 -19.21
C ASN A 158 7.74 -2.29 -18.46
N SER A 159 8.07 -2.45 -17.18
CA SER A 159 7.40 -3.43 -16.33
C SER A 159 6.99 -2.83 -14.98
N GLN A 160 5.99 -3.44 -14.36
CA GLN A 160 5.55 -3.05 -13.03
C GLN A 160 5.32 -4.30 -12.17
N GLU A 161 5.72 -4.22 -10.90
CA GLU A 161 5.57 -5.33 -9.96
C GLU A 161 4.51 -5.04 -8.92
N SER A 162 3.90 -6.09 -8.40
CA SER A 162 2.99 -5.99 -7.26
C SER A 162 3.21 -7.21 -6.37
N VAL A 163 3.06 -7.02 -5.06
CA VAL A 163 3.30 -8.10 -4.11
CA VAL A 163 3.32 -8.09 -4.10
C VAL A 163 2.19 -8.23 -3.08
N THR A 164 1.93 -9.46 -2.67
CA THR A 164 0.93 -9.74 -1.64
C THR A 164 1.56 -9.56 -0.26
N GLU A 165 0.71 -9.41 0.75
CA GLU A 165 1.15 -9.44 2.13
C GLU A 165 1.52 -10.88 2.48
N GLN A 166 2.32 -11.07 3.53
CA GLN A 166 2.67 -12.41 3.98
C GLN A 166 1.43 -13.25 4.19
N ASP A 167 1.42 -14.42 3.57
CA ASP A 167 0.30 -15.35 3.72
C ASP A 167 0.07 -15.67 5.19
N SER A 168 -1.19 -15.72 5.59
CA SER A 168 -1.54 -15.94 6.98
C SER A 168 -1.18 -17.35 7.46
N LYS A 169 -1.02 -18.28 6.51
CA LYS A 169 -0.79 -19.68 6.84
C LYS A 169 0.68 -20.10 6.73
N ASP A 170 1.33 -19.75 5.63
CA ASP A 170 2.71 -20.20 5.42
C ASP A 170 3.74 -19.05 5.41
N SER A 171 3.29 -17.83 5.68
CA SER A 171 4.18 -16.69 5.86
C SER A 171 5.02 -16.34 4.63
N THR A 172 4.59 -16.80 3.46
CA THR A 172 5.31 -16.50 2.22
C THR A 172 4.74 -15.28 1.50
N TYR A 173 5.49 -14.82 0.51
CA TYR A 173 5.04 -13.76 -0.38
C TYR A 173 4.74 -14.31 -1.77
N SER A 174 3.94 -13.58 -2.52
CA SER A 174 3.79 -13.83 -3.95
C SER A 174 3.92 -12.52 -4.68
N LEU A 175 4.37 -12.59 -5.92
CA LEU A 175 4.67 -11.39 -6.69
C LEU A 175 4.29 -11.59 -8.14
N SER A 176 3.77 -10.54 -8.75
CA SER A 176 3.50 -10.55 -10.17
C SER A 176 4.26 -9.42 -10.83
N SER A 177 4.89 -9.71 -11.95
CA SER A 177 5.54 -8.69 -12.76
C SER A 177 4.86 -8.67 -14.11
N THR A 178 4.48 -7.48 -14.55
CA THR A 178 3.81 -7.35 -15.84
C THR A 178 4.63 -6.48 -16.78
N LEU A 179 5.00 -7.08 -17.92
CA LEU A 179 5.71 -6.37 -18.97
C LEU A 179 4.71 -5.89 -20.00
N THR A 180 4.67 -4.59 -20.25
CA THR A 180 3.70 -4.01 -21.17
C THR A 180 4.36 -3.46 -22.43
N LEU A 181 3.92 -3.98 -23.58
CA LEU A 181 4.44 -3.55 -24.87
C LEU A 181 3.27 -3.22 -25.79
N SER A 182 3.53 -2.42 -26.81
CA SER A 182 2.53 -2.20 -27.85
C SER A 182 2.39 -3.50 -28.62
N LYS A 183 1.24 -3.69 -29.25
CA LYS A 183 1.02 -4.84 -30.10
C LYS A 183 2.11 -4.92 -31.16
N ALA A 184 2.43 -3.78 -31.75
CA ALA A 184 3.45 -3.73 -32.81
C ALA A 184 4.81 -4.18 -32.30
N ASP A 185 5.23 -3.66 -31.15
CA ASP A 185 6.51 -4.06 -30.57
C ASP A 185 6.51 -5.53 -30.19
N TYR A 186 5.38 -6.00 -29.67
CA TYR A 186 5.25 -7.40 -29.28
C TYR A 186 5.42 -8.32 -30.47
N GLU A 187 4.88 -7.93 -31.61
CA GLU A 187 4.86 -8.80 -32.79
C GLU A 187 6.14 -8.75 -33.63
N LYS A 188 7.12 -7.95 -33.21
CA LYS A 188 8.40 -7.96 -33.92
C LYS A 188 9.47 -8.76 -33.17
N HIS A 189 9.05 -9.52 -32.16
CA HIS A 189 9.96 -10.39 -31.44
C HIS A 189 9.43 -11.82 -31.34
N LYS A 190 10.30 -12.75 -30.94
CA LYS A 190 9.93 -14.15 -30.83
C LYS A 190 9.91 -14.68 -29.40
N VAL A 191 11.04 -14.56 -28.71
CA VAL A 191 11.20 -15.21 -27.41
C VAL A 191 10.98 -14.26 -26.23
N TYR A 192 10.03 -14.60 -25.38
CA TYR A 192 9.75 -13.82 -24.18
C TYR A 192 10.11 -14.62 -22.95
N ALA A 193 10.91 -14.02 -22.07
CA ALA A 193 11.43 -14.73 -20.92
C ALA A 193 11.45 -13.87 -19.66
N CYS A 194 11.15 -14.51 -18.53
CA CYS A 194 11.31 -13.85 -17.25
CA CYS A 194 11.22 -13.90 -17.21
C CYS A 194 12.27 -14.64 -16.38
N GLU A 195 13.31 -13.94 -15.94
CA GLU A 195 14.37 -14.55 -15.15
C GLU A 195 14.25 -14.14 -13.69
N VAL A 196 14.17 -15.13 -12.80
CA VAL A 196 13.95 -14.88 -11.38
C VAL A 196 15.19 -15.23 -10.56
N THR A 197 15.66 -14.24 -9.81
CA THR A 197 16.75 -14.44 -8.87
C THR A 197 16.21 -14.39 -7.45
N HIS A 198 16.50 -15.41 -6.67
CA HIS A 198 16.03 -15.51 -5.29
C HIS A 198 16.99 -16.40 -4.51
N GLN A 199 17.21 -16.06 -3.23
CA GLN A 199 18.19 -16.78 -2.42
CA GLN A 199 18.14 -16.76 -2.37
C GLN A 199 17.87 -18.26 -2.32
N GLY A 200 16.59 -18.61 -2.36
CA GLY A 200 16.16 -20.01 -2.36
C GLY A 200 16.46 -20.79 -3.63
N LEU A 201 16.84 -20.09 -4.70
CA LEU A 201 17.19 -20.75 -5.96
C LEU A 201 18.71 -20.74 -6.14
N SER A 202 19.30 -21.94 -6.22
CA SER A 202 20.75 -22.07 -6.31
C SER A 202 21.29 -21.25 -7.49
N SER A 203 20.51 -21.17 -8.56
CA SER A 203 20.81 -20.26 -9.66
C SER A 203 19.49 -19.77 -10.26
N PRO A 204 19.54 -18.64 -10.97
CA PRO A 204 18.33 -18.00 -11.49
C PRO A 204 17.48 -18.93 -12.37
N VAL A 205 16.18 -18.90 -12.15
CA VAL A 205 15.24 -19.70 -12.93
C VAL A 205 14.60 -18.83 -13.99
N THR A 206 14.55 -19.34 -15.21
CA THR A 206 13.93 -18.63 -16.33
C THR A 206 12.76 -19.42 -16.89
N LYS A 207 11.63 -18.75 -17.06
CA LYS A 207 10.49 -19.31 -17.77
C LYS A 207 10.29 -18.49 -19.02
N SER A 208 9.96 -19.16 -20.13
CA SER A 208 9.86 -18.47 -21.40
C SER A 208 8.84 -19.11 -22.33
N PHE A 209 8.45 -18.36 -23.36
CA PHE A 209 7.63 -18.90 -24.43
C PHE A 209 8.02 -18.24 -25.75
N ASN A 210 7.69 -18.92 -26.85
CA ASN A 210 7.88 -18.36 -28.19
C ASN A 210 6.54 -17.88 -28.71
N ARG A 211 6.47 -16.65 -29.18
CA ARG A 211 5.23 -16.14 -29.77
C ARG A 211 4.67 -17.17 -30.74
N GLY A 212 3.35 -17.35 -30.69
CA GLY A 212 2.67 -18.20 -31.65
C GLY A 212 2.77 -19.70 -31.41
N GLU A 213 3.19 -20.09 -30.21
CA GLU A 213 3.26 -21.51 -29.87
C GLU A 213 2.16 -21.87 -28.86
N CYS A 214 1.82 -23.16 -28.81
CA CYS A 214 0.74 -23.63 -27.96
C CYS A 214 1.13 -23.60 -26.49
N GLU B 4 -15.28 6.34 24.65
CA GLU B 4 -13.93 6.56 24.15
C GLU B 4 -13.92 7.72 23.16
N VAL B 5 -12.73 8.18 22.79
CA VAL B 5 -12.55 9.24 21.81
C VAL B 5 -12.84 8.75 20.39
N GLN B 6 -13.60 9.54 19.65
CA GLN B 6 -13.93 9.23 18.25
C GLN B 6 -13.71 10.44 17.36
N LEU B 7 -13.01 10.23 16.25
CA LEU B 7 -12.83 11.26 15.23
C LEU B 7 -13.34 10.70 13.91
N VAL B 8 -14.28 11.40 13.29
CA VAL B 8 -14.94 10.90 12.09
C VAL B 8 -14.79 11.88 10.94
N GLU B 9 -13.94 11.51 9.97
CA GLU B 9 -13.68 12.37 8.82
C GLU B 9 -14.73 12.15 7.74
N SER B 10 -14.99 13.21 6.97
CA SER B 10 -15.90 13.12 5.82
C SER B 10 -15.50 14.19 4.81
N GLY B 11 -16.09 14.12 3.61
CA GLY B 11 -15.87 15.13 2.59
C GLY B 11 -14.83 14.75 1.56
N GLY B 12 -14.30 13.54 1.68
CA GLY B 12 -13.29 13.05 0.75
C GLY B 12 -13.96 12.50 -0.49
N GLY B 13 -13.17 12.26 -1.53
CA GLY B 13 -13.70 11.74 -2.78
C GLY B 13 -12.80 12.06 -3.94
N LEU B 14 -13.36 11.91 -5.14
CA LEU B 14 -12.61 12.14 -6.38
C LEU B 14 -12.71 13.59 -6.78
N VAL B 15 -11.58 14.16 -7.22
CA VAL B 15 -11.53 15.54 -7.66
CA VAL B 15 -11.55 15.54 -7.68
C VAL B 15 -10.49 15.71 -8.76
N GLN B 16 -10.76 16.61 -9.70
CA GLN B 16 -9.87 16.87 -10.82
CA GLN B 16 -9.85 16.84 -10.80
C GLN B 16 -8.71 17.75 -10.36
N PRO B 17 -7.53 17.57 -10.97
CA PRO B 17 -6.40 18.44 -10.65
C PRO B 17 -6.79 19.90 -10.82
N GLY B 18 -6.39 20.76 -9.90
CA GLY B 18 -6.77 22.16 -9.93
C GLY B 18 -8.03 22.43 -9.12
N GLY B 19 -8.77 21.38 -8.80
CA GLY B 19 -10.03 21.51 -8.09
C GLY B 19 -9.89 21.68 -6.59
N SER B 20 -11.02 21.72 -5.90
CA SER B 20 -11.06 21.96 -4.46
C SER B 20 -11.90 20.93 -3.72
N LEU B 21 -11.58 20.74 -2.44
CA LEU B 21 -12.37 19.90 -1.54
C LEU B 21 -12.29 20.48 -0.15
N ARG B 22 -13.33 20.27 0.65
CA ARG B 22 -13.27 20.62 2.07
C ARG B 22 -13.54 19.39 2.93
N LEU B 23 -12.53 18.98 3.69
CA LEU B 23 -12.69 17.87 4.62
C LEU B 23 -13.23 18.37 5.96
N SER B 24 -14.06 17.54 6.57
CA SER B 24 -14.59 17.81 7.91
C SER B 24 -14.24 16.65 8.81
N CYS B 25 -14.04 16.95 10.09
CA CYS B 25 -13.83 15.91 11.09
C CYS B 25 -14.67 16.26 12.30
N VAL B 26 -15.65 15.41 12.62
CA VAL B 26 -16.50 15.62 13.78
C VAL B 26 -16.03 14.72 14.91
N THR B 27 -15.82 15.30 16.09
CA THR B 27 -15.23 14.58 17.19
C THR B 27 -16.20 14.36 18.33
N SER B 28 -15.92 13.34 19.13
CA SER B 28 -16.69 13.10 20.35
C SER B 28 -15.81 12.43 21.39
N GLY B 29 -16.24 12.48 22.65
CA GLY B 29 -15.55 11.78 23.72
C GLY B 29 -14.57 12.63 24.50
N PHE B 30 -14.39 13.89 24.08
CA PHE B 30 -13.52 14.81 24.80
C PHE B 30 -13.95 16.25 24.56
N THR B 31 -13.43 17.16 25.37
CA THR B 31 -13.73 18.58 25.21
C THR B 31 -12.87 19.16 24.11
N PHE B 32 -13.46 19.27 22.92
CA PHE B 32 -12.75 19.60 21.69
C PHE B 32 -11.93 20.89 21.81
N ARG B 33 -12.53 21.92 22.39
CA ARG B 33 -11.90 23.24 22.45
CA ARG B 33 -11.91 23.24 22.46
C ARG B 33 -10.61 23.25 23.27
N LYS B 34 -10.38 22.19 24.05
CA LYS B 34 -9.19 22.14 24.89
C LYS B 34 -7.96 21.54 24.22
N PHE B 35 -8.10 21.04 23.00
CA PHE B 35 -7.01 20.31 22.35
C PHE B 35 -6.55 20.89 21.01
N GLY B 36 -5.24 20.84 20.79
CA GLY B 36 -4.69 21.10 19.47
C GLY B 36 -5.08 19.94 18.55
N MET B 37 -5.20 20.22 17.26
CA MET B 37 -5.62 19.21 16.29
C MET B 37 -4.73 19.26 15.04
N SER B 38 -4.58 18.12 14.37
CA SER B 38 -3.77 18.06 13.16
C SER B 38 -4.39 17.17 12.09
N TRP B 39 -3.99 17.42 10.84
CA TRP B 39 -4.26 16.52 9.74
C TRP B 39 -2.95 15.83 9.35
N VAL B 40 -3.01 14.51 9.18
CA VAL B 40 -1.88 13.71 8.70
C VAL B 40 -2.39 12.88 7.54
N ARG B 41 -1.60 12.74 6.48
CA ARG B 41 -2.04 11.96 5.33
C ARG B 41 -1.12 10.79 5.02
N GLN B 42 -1.65 9.82 4.29
CA GLN B 42 -0.90 8.64 3.91
C GLN B 42 -1.22 8.29 2.47
N ALA B 43 -0.25 8.54 1.59
CA ALA B 43 -0.40 8.22 0.17
C ALA B 43 -0.41 6.71 0.00
N PRO B 44 -1.05 6.22 -1.08
CA PRO B 44 -1.15 4.77 -1.29
C PRO B 44 0.20 4.06 -1.26
N GLY B 45 0.35 3.10 -0.35
CA GLY B 45 1.58 2.35 -0.24
C GLY B 45 2.73 3.08 0.42
N LYS B 46 2.46 4.26 0.95
CA LYS B 46 3.53 5.11 1.50
C LYS B 46 3.37 5.29 3.01
N GLY B 47 4.23 6.11 3.59
CA GLY B 47 4.22 6.33 5.03
C GLY B 47 3.34 7.50 5.44
N LEU B 48 3.52 7.95 6.67
CA LEU B 48 2.72 9.04 7.22
C LEU B 48 3.40 10.38 6.93
N GLU B 49 2.59 11.38 6.63
CA GLU B 49 3.09 12.71 6.35
C GLU B 49 2.19 13.77 6.98
N TRP B 50 2.75 14.56 7.88
CA TRP B 50 2.01 15.62 8.54
C TRP B 50 1.65 16.72 7.53
N VAL B 51 0.43 17.24 7.66
CA VAL B 51 -0.11 18.23 6.73
C VAL B 51 -0.29 19.60 7.40
N ALA B 52 -0.97 19.62 8.55
CA ALA B 52 -1.28 20.89 9.20
C ALA B 52 -1.70 20.71 10.66
N SER B 53 -1.50 21.77 11.45
CA SER B 53 -1.88 21.77 12.86
C SER B 53 -2.54 23.10 13.24
N ILE B 54 -3.44 23.05 14.22
CA ILE B 54 -4.16 24.25 14.65
C ILE B 54 -4.22 24.34 16.17
N SER B 55 -4.06 25.55 16.69
CA SER B 55 -4.02 25.77 18.14
C SER B 55 -5.37 25.68 18.83
N THR B 56 -5.32 25.63 20.16
CA THR B 56 -6.49 25.63 21.02
C THR B 56 -6.40 26.82 21.96
N PRO B 57 -7.53 27.46 22.27
CA PRO B 57 -8.91 27.10 21.87
C PRO B 57 -9.39 27.66 20.53
N ARG B 58 -9.11 28.93 20.23
CA ARG B 58 -9.71 29.57 19.06
C ARG B 58 -9.17 29.05 17.74
N GLY B 59 -7.93 28.59 17.73
CA GLY B 59 -7.29 28.18 16.49
C GLY B 59 -6.73 29.35 15.71
N SER B 60 -6.23 30.36 16.41
CA SER B 60 -5.65 31.53 15.75
C SER B 60 -4.31 31.19 15.12
N THR B 61 -3.66 30.18 15.65
CA THR B 61 -2.29 29.85 15.28
C THR B 61 -2.26 28.53 14.53
N THR B 62 -1.72 28.56 13.31
CA THR B 62 -1.74 27.38 12.44
C THR B 62 -0.39 27.11 11.79
N TYR B 63 -0.18 25.86 11.42
CA TYR B 63 1.08 25.42 10.83
C TYR B 63 0.80 24.50 9.65
N TYR B 64 1.66 24.58 8.63
CA TYR B 64 1.48 23.82 7.39
C TYR B 64 2.80 23.24 6.91
N SER B 65 2.73 22.08 6.26
CA SER B 65 3.88 21.54 5.55
C SER B 65 4.11 22.39 4.31
N ASP B 66 5.35 22.43 3.83
CA ASP B 66 5.68 23.19 2.64
C ASP B 66 4.92 22.66 1.42
N SER B 67 4.63 21.36 1.44
CA SER B 67 3.92 20.74 0.31
C SER B 67 2.54 21.35 0.09
N VAL B 68 1.91 21.84 1.16
CA VAL B 68 0.53 22.33 1.06
C VAL B 68 0.37 23.80 1.43
N LYS B 69 1.45 24.44 1.86
CA LYS B 69 1.42 25.85 2.23
C LYS B 69 0.83 26.70 1.10
N GLY B 70 -0.13 27.55 1.44
CA GLY B 70 -0.74 28.44 0.45
C GLY B 70 -1.89 27.82 -0.30
N ARG B 71 -2.06 26.51 -0.17
CA ARG B 71 -3.13 25.80 -0.86
C ARG B 71 -4.17 25.25 0.11
N PHE B 72 -3.73 24.79 1.27
CA PHE B 72 -4.63 24.21 2.26
C PHE B 72 -4.83 25.17 3.41
N THR B 73 -6.01 25.13 4.03
CA THR B 73 -6.30 25.93 5.21
C THR B 73 -6.97 25.07 6.28
N ILE B 74 -6.37 25.02 7.46
CA ILE B 74 -6.95 24.31 8.57
C ILE B 74 -7.73 25.29 9.44
N SER B 75 -8.89 24.86 9.92
CA SER B 75 -9.73 25.70 10.78
C SER B 75 -10.55 24.83 11.71
N ARG B 76 -11.21 25.44 12.68
CA ARG B 76 -12.03 24.70 13.63
C ARG B 76 -13.31 25.44 14.00
N ASP B 77 -14.35 24.69 14.31
CA ASP B 77 -15.58 25.25 14.86
C ASP B 77 -15.90 24.53 16.15
N ASN B 78 -15.55 25.14 17.27
CA ASN B 78 -15.65 24.47 18.55
C ASN B 78 -17.09 24.15 18.95
N SER B 79 -18.03 24.97 18.51
CA SER B 79 -19.44 24.74 18.87
CA SER B 79 -19.44 24.76 18.85
C SER B 79 -20.02 23.54 18.12
N LYS B 80 -19.29 23.05 17.13
CA LYS B 80 -19.71 21.88 16.38
C LYS B 80 -18.76 20.69 16.57
N ASN B 81 -17.77 20.85 17.43
CA ASN B 81 -16.76 19.81 17.63
C ASN B 81 -16.14 19.42 16.30
N THR B 82 -15.94 20.40 15.41
CA THR B 82 -15.52 20.09 14.05
C THR B 82 -14.19 20.74 13.64
N LEU B 83 -13.35 19.94 13.01
CA LEU B 83 -12.11 20.38 12.40
C LEU B 83 -12.27 20.36 10.89
N TYR B 84 -11.72 21.35 10.20
CA TYR B 84 -11.81 21.42 8.73
C TYR B 84 -10.45 21.44 8.07
N LEU B 85 -10.41 20.98 6.83
CA LEU B 85 -9.24 21.20 5.97
C LEU B 85 -9.76 21.64 4.61
N GLN B 86 -9.58 22.91 4.28
CA GLN B 86 -9.92 23.41 2.96
C GLN B 86 -8.73 23.15 2.04
N MET B 87 -8.97 22.39 0.98
CA MET B 87 -7.91 22.00 0.06
CA MET B 87 -7.90 22.01 0.07
C MET B 87 -8.15 22.58 -1.32
N ASN B 88 -7.31 23.54 -1.71
CA ASN B 88 -7.43 24.17 -3.03
C ASN B 88 -6.28 23.77 -3.94
N SER B 89 -6.47 24.01 -5.24
CA SER B 89 -5.42 23.79 -6.24
C SER B 89 -4.80 22.41 -6.07
N LEU B 90 -5.65 21.39 -6.05
CA LEU B 90 -5.19 20.03 -5.75
C LEU B 90 -4.38 19.46 -6.90
N ARG B 91 -3.43 18.60 -6.54
CA ARG B 91 -2.55 17.95 -7.52
C ARG B 91 -2.62 16.44 -7.32
N ALA B 92 -2.16 15.70 -8.32
CA ALA B 92 -2.17 14.24 -8.25
C ALA B 92 -1.50 13.74 -6.98
N GLU B 93 -0.38 14.36 -6.61
CA GLU B 93 0.42 13.87 -5.49
C GLU B 93 -0.22 14.17 -4.13
N ASP B 94 -1.38 14.81 -4.14
CA ASP B 94 -2.16 15.01 -2.91
C ASP B 94 -3.07 13.82 -2.62
N THR B 95 -3.11 12.87 -3.53
CA THR B 95 -3.91 11.66 -3.34
C THR B 95 -3.41 10.91 -2.12
N ALA B 96 -4.32 10.63 -1.18
CA ALA B 96 -3.94 9.98 0.06
C ALA B 96 -5.16 9.78 0.96
N VAL B 97 -5.02 8.93 1.96
CA VAL B 97 -5.98 8.90 3.05
C VAL B 97 -5.64 10.05 3.99
N TYR B 98 -6.64 10.86 4.31
CA TYR B 98 -6.44 11.99 5.21
C TYR B 98 -7.02 11.70 6.59
N TYR B 99 -6.15 11.77 7.59
CA TYR B 99 -6.53 11.48 8.98
C TYR B 99 -6.70 12.74 9.80
N CYS B 100 -7.81 12.80 10.53
CA CYS B 100 -8.00 13.77 11.61
C CYS B 100 -7.32 13.21 12.85
N THR B 101 -6.49 14.02 13.52
CA THR B 101 -5.78 13.57 14.72
C THR B 101 -5.82 14.59 15.86
N ARG B 102 -5.75 14.09 17.08
CA ARG B 102 -5.73 14.95 18.26
C ARG B 102 -4.34 15.06 18.87
N GLY B 103 -3.90 16.28 19.15
CA GLY B 103 -2.66 16.49 19.89
C GLY B 103 -2.85 16.03 21.32
N TYR B 104 -1.92 15.22 21.81
CA TYR B 104 -2.11 14.51 23.08
C TYR B 104 -1.94 15.39 24.32
N SER B 105 -1.30 16.54 24.17
CA SER B 105 -1.02 17.40 25.32
C SER B 105 -1.29 18.87 24.99
N SER B 106 -1.30 19.70 26.03
CA SER B 106 -1.55 21.12 25.83
C SER B 106 -0.35 21.83 25.18
N THR B 107 0.75 21.10 24.99
CA THR B 107 1.97 21.69 24.44
C THR B 107 2.60 20.90 23.30
N SER B 108 1.91 19.88 22.79
CA SER B 108 2.45 19.07 21.70
C SER B 108 1.36 18.68 20.70
N TYR B 109 1.70 18.68 19.41
CA TYR B 109 0.79 18.20 18.39
C TYR B 109 0.99 16.72 18.10
N ALA B 110 1.94 16.08 18.78
CA ALA B 110 2.10 14.63 18.66
C ALA B 110 0.73 14.01 18.88
N MET B 111 0.30 13.16 17.96
CA MET B 111 -1.07 12.67 17.94
C MET B 111 -1.27 11.49 18.87
N ASP B 112 -2.36 11.48 19.63
CA ASP B 112 -2.75 10.25 20.31
C ASP B 112 -3.88 9.53 19.57
N TYR B 113 -5.01 10.20 19.36
CA TYR B 113 -6.13 9.57 18.68
C TYR B 113 -6.23 9.96 17.20
N TRP B 114 -6.56 8.96 16.38
CA TRP B 114 -6.69 9.12 14.94
C TRP B 114 -8.08 8.70 14.48
N GLY B 115 -8.64 9.39 13.50
CA GLY B 115 -9.85 8.92 12.84
C GLY B 115 -9.53 7.73 11.95
N GLN B 116 -10.55 7.19 11.29
CA GLN B 116 -10.36 6.08 10.36
C GLN B 116 -9.78 6.57 9.03
N GLY B 117 -9.93 7.88 8.78
CA GLY B 117 -9.37 8.48 7.58
C GLY B 117 -10.39 8.61 6.47
N THR B 118 -10.16 9.58 5.58
CA THR B 118 -11.01 9.74 4.40
C THR B 118 -10.15 9.85 3.14
N LEU B 119 -10.52 9.07 2.12
CA LEU B 119 -9.72 8.99 0.91
C LEU B 119 -9.99 10.15 -0.05
N VAL B 120 -8.92 10.83 -0.44
CA VAL B 120 -8.99 11.88 -1.44
C VAL B 120 -8.20 11.43 -2.67
N THR B 121 -8.89 11.38 -3.81
CA THR B 121 -8.25 10.97 -5.06
C THR B 121 -8.25 12.13 -6.05
N VAL B 122 -7.06 12.55 -6.46
CA VAL B 122 -6.92 13.64 -7.42
C VAL B 122 -6.47 13.07 -8.76
N SER B 123 -7.34 13.17 -9.76
CA SER B 123 -7.07 12.54 -11.06
C SER B 123 -7.98 13.09 -12.16
N SER B 124 -7.44 13.14 -13.38
CA SER B 124 -8.19 13.59 -14.55
CA SER B 124 -8.21 13.59 -14.53
C SER B 124 -8.91 12.42 -15.22
N ALA B 125 -8.65 11.20 -14.76
CA ALA B 125 -9.25 10.01 -15.36
C ALA B 125 -10.77 10.00 -15.25
N SER B 126 -11.42 9.39 -16.23
CA SER B 126 -12.86 9.20 -16.21
C SER B 126 -13.20 7.78 -15.77
N THR B 127 -14.40 7.59 -15.24
CA THR B 127 -14.86 6.27 -14.85
C THR B 127 -14.78 5.35 -16.06
N LYS B 128 -14.12 4.21 -15.87
CA LYS B 128 -13.98 3.23 -16.94
C LYS B 128 -13.90 1.84 -16.33
N GLY B 129 -14.65 0.91 -16.90
CA GLY B 129 -14.61 -0.47 -16.45
C GLY B 129 -13.45 -1.20 -17.06
N PRO B 130 -12.99 -2.28 -16.40
CA PRO B 130 -11.83 -3.02 -16.86
C PRO B 130 -12.14 -3.94 -18.04
N SER B 131 -11.11 -4.26 -18.82
CA SER B 131 -11.18 -5.43 -19.68
C SER B 131 -10.56 -6.56 -18.89
N VAL B 132 -11.12 -7.76 -19.03
CA VAL B 132 -10.63 -8.92 -18.29
C VAL B 132 -10.06 -9.94 -19.26
N PHE B 133 -8.79 -10.26 -19.09
CA PHE B 133 -8.10 -11.17 -20.01
C PHE B 133 -7.63 -12.40 -19.27
N PRO B 134 -7.76 -13.57 -19.91
CA PRO B 134 -7.36 -14.80 -19.22
C PRO B 134 -5.85 -14.95 -19.16
N LEU B 135 -5.36 -15.46 -18.04
CA LEU B 135 -3.98 -15.90 -17.93
C LEU B 135 -4.05 -17.42 -17.98
N ALA B 136 -3.99 -17.97 -19.19
CA ALA B 136 -4.27 -19.39 -19.42
C ALA B 136 -3.20 -20.29 -18.83
N PRO B 137 -3.61 -21.44 -18.28
CA PRO B 137 -2.63 -22.40 -17.77
C PRO B 137 -1.76 -22.92 -18.89
N SER B 138 -0.45 -23.00 -18.64
CA SER B 138 0.51 -23.46 -19.63
C SER B 138 0.20 -24.88 -20.10
N SER B 139 0.38 -25.12 -21.38
CA SER B 139 0.20 -26.46 -21.94
C SER B 139 1.31 -27.38 -21.46
N LYS B 140 2.36 -26.79 -20.89
CA LYS B 140 3.48 -27.56 -20.34
C LYS B 140 3.31 -27.84 -18.85
N SER B 141 2.14 -27.55 -18.30
CA SER B 141 1.86 -27.83 -16.88
C SER B 141 2.26 -29.26 -16.51
N THR B 142 3.01 -29.39 -15.43
CA THR B 142 3.61 -30.66 -15.04
C THR B 142 2.55 -31.74 -14.79
N SER B 143 2.79 -32.93 -15.32
CA SER B 143 1.86 -34.04 -15.17
C SER B 143 1.76 -34.46 -13.71
N GLY B 144 0.55 -34.44 -13.17
CA GLY B 144 0.33 -34.74 -11.77
C GLY B 144 0.85 -33.65 -10.85
N GLY B 145 1.29 -32.53 -11.42
CA GLY B 145 1.87 -31.45 -10.65
C GLY B 145 0.91 -30.31 -10.35
N THR B 146 1.45 -29.10 -10.25
CA THR B 146 0.66 -27.93 -9.95
C THR B 146 0.74 -26.93 -11.10
N ALA B 147 -0.41 -26.41 -11.51
CA ALA B 147 -0.49 -25.42 -12.58
C ALA B 147 -0.97 -24.09 -12.03
N ALA B 148 -0.62 -23.00 -12.71
CA ALA B 148 -1.10 -21.68 -12.35
C ALA B 148 -1.92 -21.08 -13.48
N LEU B 149 -2.95 -20.31 -13.12
CA LEU B 149 -3.76 -19.59 -14.08
C LEU B 149 -4.34 -18.38 -13.37
N GLY B 150 -4.98 -17.50 -14.10
CA GLY B 150 -5.51 -16.29 -13.49
C GLY B 150 -6.24 -15.40 -14.45
N CYS B 151 -6.50 -14.17 -14.02
CA CYS B 151 -7.14 -13.15 -14.86
CA CYS B 151 -7.09 -13.17 -14.91
C CYS B 151 -6.42 -11.82 -14.72
N LEU B 152 -6.22 -11.14 -15.85
CA LEU B 152 -5.67 -9.79 -15.86
C LEU B 152 -6.82 -8.81 -15.96
N VAL B 153 -6.97 -7.96 -14.97
CA VAL B 153 -8.05 -6.99 -14.92
C VAL B 153 -7.44 -5.64 -15.24
N LYS B 154 -7.60 -5.18 -16.48
CA LYS B 154 -6.79 -4.09 -16.99
C LYS B 154 -7.57 -2.82 -17.30
N ASP B 155 -6.96 -1.69 -16.98
CA ASP B 155 -7.41 -0.37 -17.41
C ASP B 155 -8.78 0.02 -16.85
N TYR B 156 -8.86 0.18 -15.54
CA TYR B 156 -10.10 0.62 -14.91
C TYR B 156 -9.85 1.83 -14.04
N PHE B 157 -10.94 2.53 -13.70
CA PHE B 157 -10.86 3.68 -12.81
C PHE B 157 -12.26 4.05 -12.35
N PRO B 158 -12.41 4.41 -11.07
CA PRO B 158 -11.37 4.42 -10.04
C PRO B 158 -11.29 3.06 -9.35
N GLU B 159 -10.50 2.98 -8.29
CA GLU B 159 -10.51 1.82 -7.41
CA GLU B 159 -10.51 1.81 -7.42
C GLU B 159 -11.84 1.78 -6.68
N PRO B 160 -12.26 0.59 -6.22
CA PRO B 160 -11.57 -0.70 -6.35
C PRO B 160 -12.31 -1.62 -7.31
N VAL B 161 -11.70 -2.76 -7.61
CA VAL B 161 -12.42 -3.88 -8.22
C VAL B 161 -12.37 -5.04 -7.24
N THR B 162 -13.36 -5.92 -7.31
CA THR B 162 -13.31 -7.15 -6.55
C THR B 162 -13.13 -8.32 -7.51
N VAL B 163 -12.44 -9.35 -7.03
CA VAL B 163 -12.25 -10.56 -7.80
C VAL B 163 -12.48 -11.76 -6.90
N SER B 164 -13.29 -12.71 -7.38
CA SER B 164 -13.40 -14.00 -6.72
C SER B 164 -13.25 -15.08 -7.79
N TRP B 165 -13.13 -16.32 -7.34
CA TRP B 165 -13.03 -17.45 -8.25
C TRP B 165 -14.16 -18.45 -8.01
N ASN B 166 -14.82 -18.85 -9.09
CA ASN B 166 -15.94 -19.76 -9.02
C ASN B 166 -16.96 -19.32 -7.98
N SER B 167 -17.31 -18.04 -8.02
CA SER B 167 -18.34 -17.46 -7.16
C SER B 167 -18.00 -17.57 -5.68
N GLY B 168 -16.71 -17.68 -5.37
CA GLY B 168 -16.26 -17.72 -4.00
C GLY B 168 -16.01 -19.14 -3.48
N ALA B 169 -16.30 -20.12 -4.31
CA ALA B 169 -16.11 -21.52 -3.93
C ALA B 169 -14.63 -21.92 -3.94
N LEU B 170 -13.82 -21.16 -4.69
CA LEU B 170 -12.39 -21.43 -4.78
C LEU B 170 -11.60 -20.30 -4.12
N THR B 171 -10.97 -20.61 -2.99
CA THR B 171 -10.20 -19.62 -2.23
C THR B 171 -8.77 -20.07 -1.96
N SER B 172 -8.57 -21.38 -1.82
CA SER B 172 -7.25 -21.91 -1.56
C SER B 172 -6.32 -21.73 -2.75
N GLY B 173 -5.16 -21.13 -2.51
CA GLY B 173 -4.17 -20.93 -3.55
C GLY B 173 -4.34 -19.66 -4.34
N VAL B 174 -5.38 -18.88 -4.03
CA VAL B 174 -5.66 -17.66 -4.75
C VAL B 174 -4.80 -16.50 -4.24
N HIS B 175 -4.18 -15.78 -5.16
CA HIS B 175 -3.47 -14.55 -4.85
C HIS B 175 -4.00 -13.44 -5.73
N THR B 176 -4.70 -12.49 -5.12
CA THR B 176 -5.15 -11.30 -5.83
C THR B 176 -4.24 -10.14 -5.43
N PHE B 177 -3.54 -9.60 -6.42
CA PHE B 177 -2.50 -8.62 -6.17
C PHE B 177 -3.03 -7.20 -6.02
N PRO B 178 -2.33 -6.37 -5.24
CA PRO B 178 -2.67 -4.95 -5.19
C PRO B 178 -2.69 -4.35 -6.59
N ALA B 179 -3.63 -3.46 -6.84
CA ALA B 179 -3.72 -2.78 -8.13
C ALA B 179 -2.50 -1.89 -8.31
N VAL B 180 -2.11 -1.68 -9.56
CA VAL B 180 -1.03 -0.77 -9.88
CA VAL B 180 -1.03 -0.78 -9.90
C VAL B 180 -1.56 0.37 -10.74
N LEU B 181 -1.15 1.59 -10.38
CA LEU B 181 -1.52 2.77 -11.14
C LEU B 181 -0.57 2.91 -12.33
N GLN B 182 -1.13 2.82 -13.53
CA GLN B 182 -0.36 2.90 -14.75
C GLN B 182 -0.14 4.35 -15.14
N SER B 183 0.83 4.60 -16.03
CA SER B 183 1.13 5.96 -16.46
C SER B 183 -0.08 6.62 -17.13
N SER B 184 -1.00 5.80 -17.62
CA SER B 184 -2.21 6.29 -18.27
C SER B 184 -3.18 6.92 -17.27
N GLY B 185 -2.97 6.64 -15.99
CA GLY B 185 -3.89 7.10 -14.97
C GLY B 185 -4.95 6.06 -14.63
N LEU B 186 -4.93 4.94 -15.36
CA LEU B 186 -5.84 3.84 -15.09
C LEU B 186 -5.16 2.75 -14.28
N TYR B 187 -5.94 1.95 -13.58
CA TYR B 187 -5.40 0.86 -12.78
C TYR B 187 -5.44 -0.49 -13.48
N SER B 188 -4.61 -1.39 -12.98
CA SER B 188 -4.60 -2.76 -13.45
CA SER B 188 -4.60 -2.77 -13.45
CA SER B 188 -4.61 -2.76 -13.44
C SER B 188 -4.20 -3.69 -12.31
N LEU B 189 -4.75 -4.89 -12.29
CA LEU B 189 -4.33 -5.87 -11.30
C LEU B 189 -4.52 -7.27 -11.86
N SER B 190 -3.78 -8.22 -11.29
CA SER B 190 -3.90 -9.60 -11.66
C SER B 190 -4.38 -10.40 -10.46
N SER B 191 -5.16 -11.44 -10.74
CA SER B 191 -5.50 -12.42 -9.73
C SER B 191 -5.14 -13.79 -10.28
N VAL B 192 -4.47 -14.59 -9.47
CA VAL B 192 -4.01 -15.90 -9.92
C VAL B 192 -4.40 -16.96 -8.92
N VAL B 193 -4.30 -18.22 -9.34
CA VAL B 193 -4.58 -19.34 -8.46
C VAL B 193 -3.75 -20.52 -8.95
N THR B 194 -3.24 -21.32 -8.02
CA THR B 194 -2.58 -22.57 -8.37
C THR B 194 -3.56 -23.70 -8.15
N VAL B 195 -3.61 -24.62 -9.11
CA VAL B 195 -4.52 -25.74 -9.06
C VAL B 195 -3.80 -26.98 -9.56
N PRO B 196 -4.37 -28.18 -9.30
CA PRO B 196 -3.73 -29.39 -9.81
C PRO B 196 -3.72 -29.42 -11.33
N SER B 197 -2.58 -29.74 -11.92
CA SER B 197 -2.48 -29.87 -13.36
C SER B 197 -3.51 -30.88 -13.87
N SER B 198 -3.82 -31.88 -13.06
CA SER B 198 -4.72 -32.96 -13.47
C SER B 198 -6.16 -32.50 -13.61
N SER B 199 -6.46 -31.29 -13.12
CA SER B 199 -7.83 -30.78 -13.11
C SER B 199 -8.14 -29.93 -14.35
N LEU B 200 -7.11 -29.58 -15.11
CA LEU B 200 -7.27 -28.59 -16.18
C LEU B 200 -8.26 -29.00 -17.26
N GLY B 201 -8.38 -30.30 -17.50
CA GLY B 201 -9.27 -30.78 -18.55
C GLY B 201 -10.73 -30.91 -18.13
N THR B 202 -10.99 -30.96 -16.83
CA THR B 202 -12.32 -31.30 -16.34
C THR B 202 -12.95 -30.28 -15.39
N GLN B 203 -12.12 -29.51 -14.70
CA GLN B 203 -12.64 -28.51 -13.77
C GLN B 203 -12.75 -27.14 -14.42
N THR B 204 -13.81 -26.43 -14.09
CA THR B 204 -14.03 -25.10 -14.62
CA THR B 204 -14.05 -25.09 -14.62
C THR B 204 -13.51 -24.04 -13.66
N TYR B 205 -12.77 -23.08 -14.21
CA TYR B 205 -12.23 -21.99 -13.42
C TYR B 205 -12.70 -20.66 -13.99
N ILE B 206 -13.45 -19.92 -13.19
CA ILE B 206 -14.05 -18.67 -13.63
C ILE B 206 -13.69 -17.57 -12.65
N CYS B 207 -13.14 -16.48 -13.18
CA CYS B 207 -12.86 -15.33 -12.32
CA CYS B 207 -12.81 -15.29 -12.39
C CYS B 207 -14.01 -14.34 -12.42
N ASN B 208 -14.57 -14.02 -11.25
CA ASN B 208 -15.68 -13.10 -11.18
C ASN B 208 -15.18 -11.72 -10.79
N VAL B 209 -15.25 -10.79 -11.74
CA VAL B 209 -14.73 -9.44 -11.55
C VAL B 209 -15.89 -8.46 -11.45
N ASN B 210 -15.82 -7.59 -10.46
CA ASN B 210 -16.87 -6.59 -10.27
C ASN B 210 -16.24 -5.21 -10.06
N HIS B 211 -16.65 -4.26 -10.90
CA HIS B 211 -16.22 -2.88 -10.77
C HIS B 211 -17.46 -2.01 -10.67
N LYS B 212 -17.91 -1.78 -9.44
CA LYS B 212 -19.19 -1.13 -9.21
C LYS B 212 -19.29 0.29 -9.76
N PRO B 213 -18.21 1.08 -9.71
CA PRO B 213 -18.33 2.44 -10.24
C PRO B 213 -18.77 2.50 -11.69
N SER B 214 -18.45 1.49 -12.48
CA SER B 214 -18.84 1.47 -13.90
C SER B 214 -19.95 0.44 -14.16
N ASN B 215 -20.44 -0.19 -13.10
CA ASN B 215 -21.44 -1.25 -13.24
C ASN B 215 -20.94 -2.37 -14.13
N THR B 216 -19.65 -2.64 -14.08
CA THR B 216 -19.07 -3.72 -14.86
C THR B 216 -19.02 -5.00 -14.02
N LYS B 217 -19.64 -6.04 -14.55
CA LYS B 217 -19.59 -7.36 -13.94
C LYS B 217 -19.20 -8.36 -15.02
N VAL B 218 -18.03 -8.96 -14.87
CA VAL B 218 -17.54 -9.90 -15.85
C VAL B 218 -17.17 -11.22 -15.18
N ASP B 219 -17.65 -12.32 -15.76
CA ASP B 219 -17.20 -13.65 -15.38
C ASP B 219 -16.41 -14.21 -16.55
N LYS B 220 -15.13 -14.46 -16.34
CA LYS B 220 -14.27 -14.97 -17.42
C LYS B 220 -13.84 -16.41 -17.13
N LYS B 221 -14.25 -17.32 -18.01
CA LYS B 221 -13.77 -18.69 -17.93
C LYS B 221 -12.33 -18.72 -18.40
N VAL B 222 -11.46 -19.31 -17.59
CA VAL B 222 -10.05 -19.39 -17.91
C VAL B 222 -9.71 -20.85 -18.16
N GLU B 223 -9.35 -21.16 -19.40
CA GLU B 223 -9.14 -22.55 -19.80
C GLU B 223 -7.86 -22.70 -20.60
N PRO B 224 -7.40 -23.93 -20.79
CA PRO B 224 -6.23 -24.15 -21.65
C PRO B 224 -6.48 -23.61 -23.05
N LYS B 225 -5.47 -22.95 -23.62
CA LYS B 225 -5.62 -22.36 -24.94
C LYS B 225 -5.59 -23.46 -26.00
N SER B 226 -6.63 -23.51 -26.83
CA SER B 226 -6.72 -24.56 -27.83
C SER B 226 -5.69 -24.38 -28.93
N CYS B 227 -5.08 -25.49 -29.34
CA CYS B 227 -4.04 -25.49 -30.37
C CYS B 227 -3.34 -26.84 -30.37
N LYS C 4 13.58 24.96 17.60
CA LYS C 4 13.71 24.42 18.99
C LYS C 4 12.47 24.76 19.79
N GLY C 5 11.44 23.92 19.68
CA GLY C 5 10.15 24.23 20.27
C GLY C 5 9.61 25.49 19.60
N ASN C 6 9.56 25.45 18.28
CA ASN C 6 9.19 26.62 17.50
C ASN C 6 7.70 26.70 17.21
N TYR C 7 6.87 26.12 18.07
CA TYR C 7 5.42 26.18 17.84
C TYR C 7 4.55 26.24 19.10
N VAL C 8 3.36 26.78 18.91
CA VAL C 8 2.39 26.95 19.98
C VAL C 8 1.21 26.00 19.75
N VAL C 9 0.78 25.35 20.82
CA VAL C 9 -0.43 24.52 20.79
C VAL C 9 -1.56 25.24 21.53
N THR C 10 -1.31 25.60 22.79
CA THR C 10 -2.26 26.37 23.57
C THR C 10 -1.90 27.85 23.47
N SEP C 11 -2.77 28.63 22.84
CA SEP C 11 -2.50 30.01 22.54
CB SEP C 11 -3.38 30.43 21.40
OG SEP C 11 -4.73 30.26 21.57
C SEP C 11 -2.76 30.91 23.71
O SEP C 11 -3.24 30.46 24.74
P SEP C 11 -5.79 30.68 20.51
O1P SEP C 11 -5.89 29.62 19.44
O2P SEP C 11 -7.12 30.84 21.23
O3P SEP C 11 -5.42 32.01 19.89
H SEP C 11 -3.60 28.39 22.56
HA SEP C 11 -1.57 30.10 22.26
HB2 SEP C 11 -3.11 29.94 20.61
HB3 SEP C 11 -3.22 31.38 21.22
C1 PPI D . 7.50 0.40 5.50
C2 PPI D . 8.48 -0.72 5.53
C3 PPI D . 9.86 -0.18 5.35
O1 PPI D . 7.24 1.02 6.57
O2 PPI D . 6.94 0.74 4.43
H21 PPI D . 8.43 -1.19 6.38
H22 PPI D . 8.28 -1.34 4.81
H31 PPI D . 10.05 0.44 6.07
H32 PPI D . 10.50 -0.90 5.37
H33 PPI D . 9.92 0.29 4.50
#